data_1EUP
#
_entry.id   1EUP
#
_cell.length_a   54.154
_cell.length_b   79.114
_cell.length_c   99.430
_cell.angle_alpha   90.00
_cell.angle_beta   90.00
_cell.angle_gamma   90.00
#
_symmetry.space_group_name_H-M   'P 21 21 21'
#
loop_
_entity.id
_entity.type
_entity.pdbx_description
1 polymer 'CYTOCHROME P450ERYF'
2 non-polymer 'PROTOPORPHYRIN IX CONTAINING FE'
3 non-polymer 4-ANDROSTENE-3-17-DIONE
4 water water
#
_entity_poly.entity_id   1
_entity_poly.type   'polypeptide(L)'
_entity_poly.pdbx_seq_one_letter_code
;ATVPDLESDSFHVDWYSTYAELRETAPVTPVRFLGQDAWLVTGYDEAKAALSDLRLSSDPKKKYPGVEVEFPAYLGFPED
VRNYFATNMGTSDPPTHTRLRKLVSQEFTVRRVEAMRPRVEQITAELLDEVGDSGVVDIVDRFAHPLPIKVICELLGVDE
AARGAFGRWSSEILVMDPERAEQRGQAAREVVNFILDLVERRRTEPGDDLLSALISVQDDDDGRLSADELTSIALVLLLA
GFEASVSLIGIGTYLLLTHPDQLALVRADPSALPNAVEEILRYIAPPETTTRFAAEEVEIGGVAIPQYSTVLVANGAANR
DPSQFPDPHRFDVTRDTRGHLSFGQGIHFCMGRPLAKLEGEVALRALFGRFPALSLGIDADDVVWRRSLLLRGIDHLPVR
LDG
;
_entity_poly.pdbx_strand_id   A
#
loop_
_chem_comp.id
_chem_comp.type
_chem_comp.name
_chem_comp.formula
ASD non-polymer 4-ANDROSTENE-3-17-DIONE 'C19 H26 O2'
HEM non-polymer 'PROTOPORPHYRIN IX CONTAINING FE' 'C34 H32 Fe N4 O4'
#
# COMPACT_ATOMS: atom_id res chain seq x y z
N ALA A 1 12.91 16.47 25.34
CA ALA A 1 14.37 16.46 25.01
C ALA A 1 14.65 15.50 23.85
N THR A 2 15.20 16.03 22.76
CA THR A 2 15.53 15.25 21.56
C THR A 2 14.32 14.60 20.86
N VAL A 3 13.80 15.28 19.83
CA VAL A 3 12.68 14.76 19.06
C VAL A 3 13.24 13.87 17.94
N PRO A 4 12.66 12.67 17.76
CA PRO A 4 13.16 11.77 16.72
C PRO A 4 12.99 12.29 15.30
N ASP A 5 13.96 11.95 14.45
CA ASP A 5 13.95 12.35 13.05
C ASP A 5 13.63 11.09 12.26
N LEU A 6 12.46 11.06 11.62
CA LEU A 6 12.05 9.90 10.87
C LEU A 6 12.92 9.57 9.65
N GLU A 7 13.90 10.42 9.38
CA GLU A 7 14.80 10.19 8.26
C GLU A 7 16.03 9.38 8.67
N SER A 8 16.24 9.23 9.97
CA SER A 8 17.40 8.50 10.47
C SER A 8 17.32 7.00 10.19
N ASP A 9 18.46 6.33 10.27
CA ASP A 9 18.57 4.90 10.03
C ASP A 9 17.85 4.05 11.08
N SER A 10 17.44 4.69 12.17
CA SER A 10 16.73 3.99 13.23
C SER A 10 15.32 3.62 12.76
N PHE A 11 14.83 4.33 11.76
CA PHE A 11 13.51 4.06 11.22
C PHE A 11 13.61 3.28 9.91
N HIS A 12 14.76 2.67 9.65
CA HIS A 12 14.95 1.90 8.43
C HIS A 12 15.86 0.70 8.66
N VAL A 13 16.47 0.62 9.84
CA VAL A 13 17.34 -0.49 10.18
C VAL A 13 16.85 -1.08 11.49
N ASP A 14 16.24 -2.27 11.40
CA ASP A 14 15.67 -2.92 12.57
C ASP A 14 14.68 -1.93 13.18
N TRP A 15 13.99 -1.21 12.29
CA TRP A 15 13.05 -0.18 12.65
C TRP A 15 11.96 -0.51 13.66
N TYR A 16 11.53 -1.77 13.70
CA TYR A 16 10.49 -2.17 14.64
C TYR A 16 10.93 -2.14 16.10
N SER A 17 12.25 -2.17 16.32
CA SER A 17 12.81 -2.11 17.67
C SER A 17 12.66 -0.66 18.14
N THR A 18 12.86 0.27 17.22
CA THR A 18 12.74 1.69 17.50
C THR A 18 11.30 2.05 17.82
N TYR A 19 10.36 1.37 17.16
CA TYR A 19 8.95 1.62 17.39
C TYR A 19 8.55 1.20 18.79
N ALA A 20 9.03 0.03 19.22
CA ALA A 20 8.72 -0.49 20.57
C ALA A 20 9.26 0.44 21.67
N GLU A 21 10.43 1.00 21.44
CA GLU A 21 11.09 1.91 22.36
C GLU A 21 10.21 3.16 22.54
N LEU A 22 9.83 3.77 21.42
CA LEU A 22 8.99 4.97 21.41
C LEU A 22 7.62 4.75 22.03
N ARG A 23 6.94 3.68 21.63
CA ARG A 23 5.61 3.33 22.14
C ARG A 23 5.62 3.15 23.65
N GLU A 24 6.71 2.57 24.14
CA GLU A 24 6.87 2.32 25.56
C GLU A 24 6.92 3.66 26.31
N THR A 25 7.65 4.61 25.74
CA THR A 25 7.79 5.93 26.33
C THR A 25 6.51 6.75 26.17
N ALA A 26 5.99 6.81 24.95
CA ALA A 26 4.78 7.57 24.65
C ALA A 26 4.18 7.17 23.30
N PRO A 27 3.02 6.48 23.32
CA PRO A 27 2.31 6.03 22.12
C PRO A 27 2.03 7.16 21.13
N VAL A 28 2.04 8.40 21.63
CA VAL A 28 1.81 9.56 20.79
C VAL A 28 2.99 10.49 21.08
N THR A 29 3.73 10.86 20.04
CA THR A 29 4.90 11.72 20.22
C THR A 29 5.24 12.60 19.03
N PRO A 30 5.85 13.76 19.31
CA PRO A 30 6.27 14.73 18.30
C PRO A 30 7.54 14.24 17.62
N VAL A 31 7.62 14.43 16.32
CA VAL A 31 8.76 14.00 15.54
C VAL A 31 9.03 15.07 14.50
N ARG A 32 10.09 14.84 13.73
CA ARG A 32 10.48 15.73 12.64
C ARG A 32 10.53 14.85 11.41
N PHE A 33 10.12 15.38 10.27
CA PHE A 33 10.11 14.60 9.04
C PHE A 33 10.03 15.53 7.86
N LEU A 34 10.98 15.40 6.93
CA LEU A 34 11.00 16.26 5.75
C LEU A 34 11.03 17.74 6.14
N GLY A 35 11.72 18.02 7.25
CA GLY A 35 11.82 19.40 7.74
C GLY A 35 10.62 19.97 8.48
N GLN A 36 9.60 19.15 8.73
CA GLN A 36 8.42 19.62 9.45
C GLN A 36 8.14 18.83 10.72
N ASP A 37 7.48 19.49 11.67
CA ASP A 37 7.12 18.86 12.93
C ASP A 37 5.84 18.06 12.75
N ALA A 38 5.80 16.87 13.34
CA ALA A 38 4.62 16.02 13.22
C ALA A 38 4.48 15.18 14.48
N TRP A 39 3.37 14.44 14.57
CA TRP A 39 3.13 13.57 15.72
C TRP A 39 3.00 12.17 15.14
N LEU A 40 3.69 11.22 15.75
CA LEU A 40 3.65 9.84 15.29
C LEU A 40 2.87 9.03 16.32
N VAL A 41 1.99 8.16 15.85
CA VAL A 41 1.18 7.33 16.73
C VAL A 41 1.58 5.87 16.57
N THR A 42 2.27 5.33 17.57
CA THR A 42 2.76 3.96 17.55
C THR A 42 1.90 2.97 18.34
N GLY A 43 0.97 3.47 19.15
CA GLY A 43 0.14 2.56 19.93
C GLY A 43 -1.04 2.04 19.15
N TYR A 44 -1.46 0.81 19.43
CA TYR A 44 -2.60 0.22 18.73
C TYR A 44 -3.88 0.99 18.98
N ASP A 45 -4.28 1.06 20.25
CA ASP A 45 -5.51 1.74 20.65
C ASP A 45 -5.52 3.17 20.15
N GLU A 46 -4.36 3.82 20.28
CA GLU A 46 -4.20 5.20 19.85
C GLU A 46 -4.36 5.31 18.33
N ALA A 47 -3.87 4.31 17.60
CA ALA A 47 -3.95 4.29 16.14
C ALA A 47 -5.39 4.10 15.67
N LYS A 48 -6.09 3.14 16.28
CA LYS A 48 -7.49 2.87 15.94
C LYS A 48 -8.35 4.10 16.21
N ALA A 49 -8.12 4.72 17.37
CA ALA A 49 -8.85 5.92 17.76
C ALA A 49 -8.64 7.05 16.75
N ALA A 50 -7.38 7.30 16.38
CA ALA A 50 -7.04 8.37 15.43
C ALA A 50 -7.71 8.17 14.07
N LEU A 51 -7.62 6.96 13.53
CA LEU A 51 -8.21 6.64 12.23
C LEU A 51 -9.73 6.74 12.24
N SER A 52 -10.32 6.63 13.43
CA SER A 52 -11.77 6.69 13.59
C SER A 52 -12.27 8.12 13.83
N ASP A 53 -11.35 8.99 14.23
CA ASP A 53 -11.69 10.38 14.50
C ASP A 53 -11.68 11.23 13.24
N LEU A 54 -12.86 11.66 12.82
CA LEU A 54 -12.96 12.45 11.61
C LEU A 54 -12.47 13.90 11.70
N ARG A 55 -12.04 14.34 12.89
CA ARG A 55 -11.48 15.68 13.03
C ARG A 55 -10.08 15.66 12.39
N LEU A 56 -9.60 14.45 12.12
CA LEU A 56 -8.31 14.24 11.48
C LEU A 56 -8.68 13.98 10.03
N SER A 57 -8.54 15.01 9.22
CA SER A 57 -8.85 14.98 7.79
C SER A 57 -7.85 14.20 6.95
N SER A 58 -8.29 13.77 5.77
CA SER A 58 -7.43 13.04 4.83
C SER A 58 -7.31 13.88 3.54
N ASP A 59 -7.88 15.08 3.57
CA ASP A 59 -7.90 15.98 2.41
C ASP A 59 -6.83 17.07 2.47
N PRO A 60 -5.79 16.94 1.63
CA PRO A 60 -4.68 17.90 1.55
C PRO A 60 -5.01 19.16 0.74
N LYS A 61 -6.10 19.12 -0.01
CA LYS A 61 -6.53 20.24 -0.84
C LYS A 61 -7.23 21.31 -0.02
N LYS A 62 -7.57 20.99 1.22
CA LYS A 62 -8.26 21.95 2.06
C LYS A 62 -7.41 23.12 2.52
N LYS A 63 -8.03 24.30 2.49
CA LYS A 63 -7.40 25.56 2.87
C LYS A 63 -7.81 26.03 4.26
N TYR A 64 -6.82 26.39 5.05
CA TYR A 64 -7.04 26.85 6.41
C TYR A 64 -6.37 28.22 6.61
N PRO A 65 -6.99 29.09 7.42
CA PRO A 65 -6.51 30.44 7.74
C PRO A 65 -5.05 30.51 8.15
N GLY A 66 -4.22 30.98 7.22
CA GLY A 66 -2.79 31.13 7.48
C GLY A 66 -2.05 29.83 7.70
N VAL A 67 -2.50 28.77 7.04
CA VAL A 67 -1.87 27.47 7.17
C VAL A 67 -1.52 26.95 5.79
N GLU A 68 -0.37 26.30 5.69
CA GLU A 68 0.05 25.71 4.43
C GLU A 68 0.07 24.20 4.67
N VAL A 69 -0.96 23.50 4.19
CA VAL A 69 -1.07 22.06 4.38
C VAL A 69 -0.05 21.31 3.54
N GLU A 70 0.75 20.47 4.20
CA GLU A 70 1.79 19.71 3.52
C GLU A 70 1.80 18.24 3.92
N PHE A 71 1.23 17.38 3.08
CA PHE A 71 1.27 15.96 3.38
C PHE A 71 2.58 15.49 2.80
N PRO A 72 3.40 14.77 3.58
CA PRO A 72 4.70 14.27 3.12
C PRO A 72 4.69 13.57 1.75
N ALA A 73 3.66 12.77 1.48
CA ALA A 73 3.55 12.05 0.23
C ALA A 73 3.67 12.92 -1.03
N TYR A 74 3.46 14.22 -0.88
CA TYR A 74 3.51 15.13 -2.01
C TYR A 74 4.79 15.96 -2.16
N LEU A 75 5.90 15.42 -1.69
CA LEU A 75 7.20 16.09 -1.77
C LEU A 75 7.63 16.35 -3.22
N GLY A 76 7.72 17.62 -3.58
CA GLY A 76 8.14 17.97 -4.93
C GLY A 76 7.08 17.98 -6.01
N PHE A 77 5.84 17.67 -5.65
CA PHE A 77 4.75 17.66 -6.64
C PHE A 77 4.27 19.07 -6.93
N PRO A 78 4.18 19.43 -8.22
CA PRO A 78 3.69 20.78 -8.55
C PRO A 78 2.20 20.78 -8.17
N GLU A 79 1.62 21.93 -7.82
CA GLU A 79 0.22 21.95 -7.42
C GLU A 79 -0.80 21.33 -8.39
N ASP A 80 -0.63 21.58 -9.70
CA ASP A 80 -1.56 21.01 -10.67
C ASP A 80 -1.46 19.48 -10.67
N VAL A 81 -0.28 18.96 -10.40
CA VAL A 81 -0.04 17.52 -10.34
C VAL A 81 -0.62 16.96 -9.05
N ARG A 82 -0.44 17.70 -7.97
CA ARG A 82 -0.94 17.30 -6.66
C ARG A 82 -2.42 17.05 -6.68
N ASN A 83 -3.18 17.98 -7.26
CA ASN A 83 -4.63 17.84 -7.33
C ASN A 83 -5.12 16.68 -8.15
N TYR A 84 -4.30 16.22 -9.09
CA TYR A 84 -4.67 15.05 -9.89
C TYR A 84 -4.48 13.79 -9.05
N PHE A 85 -3.51 13.80 -8.14
CA PHE A 85 -3.28 12.65 -7.27
C PHE A 85 -4.23 12.70 -6.07
N ALA A 86 -4.68 13.90 -5.73
CA ALA A 86 -5.55 14.11 -4.57
C ALA A 86 -7.05 14.42 -4.73
N THR A 87 -7.69 13.92 -5.79
CA THR A 87 -9.12 14.14 -5.95
C THR A 87 -9.82 12.78 -6.11
N ASN A 88 -9.69 11.94 -5.09
CA ASN A 88 -10.28 10.61 -5.09
C ASN A 88 -10.66 10.22 -3.67
N MET A 89 -11.24 9.03 -3.51
CA MET A 89 -11.66 8.52 -2.21
C MET A 89 -10.67 8.78 -1.06
N GLY A 90 -9.47 8.24 -1.21
CA GLY A 90 -8.45 8.37 -0.17
C GLY A 90 -7.97 9.76 0.14
N THR A 91 -8.37 10.72 -0.67
CA THR A 91 -7.97 12.11 -0.47
C THR A 91 -9.17 13.03 -0.27
N SER A 92 -10.27 12.47 0.21
CA SER A 92 -11.49 13.23 0.45
C SER A 92 -12.13 12.86 1.79
N ASP A 93 -12.82 13.84 2.40
CA ASP A 93 -13.53 13.63 3.66
C ASP A 93 -15.01 13.67 3.32
N PRO A 94 -15.87 13.12 4.19
CA PRO A 94 -17.30 13.16 3.88
C PRO A 94 -17.69 14.65 3.77
N PRO A 95 -18.72 14.98 2.98
CA PRO A 95 -19.56 14.11 2.14
C PRO A 95 -19.02 13.70 0.77
N THR A 96 -17.94 14.32 0.32
CA THR A 96 -17.36 14.00 -0.99
C THR A 96 -16.89 12.55 -1.03
N HIS A 97 -16.19 12.13 0.02
CA HIS A 97 -15.70 10.76 0.11
C HIS A 97 -16.86 9.80 -0.07
N THR A 98 -17.93 10.04 0.66
CA THR A 98 -19.13 9.21 0.62
C THR A 98 -19.65 8.92 -0.80
N ARG A 99 -19.82 9.95 -1.62
CA ARG A 99 -20.31 9.71 -2.96
C ARG A 99 -19.28 9.10 -3.90
N LEU A 100 -18.02 9.48 -3.72
CA LEU A 100 -16.97 8.94 -4.56
C LEU A 100 -16.83 7.44 -4.32
N ARG A 101 -16.90 7.04 -3.07
CA ARG A 101 -16.79 5.63 -2.77
C ARG A 101 -18.01 4.85 -3.23
N LYS A 102 -19.18 5.49 -3.22
CA LYS A 102 -20.42 4.87 -3.65
C LYS A 102 -20.47 4.63 -5.15
N LEU A 103 -20.00 5.61 -5.90
CA LEU A 103 -20.00 5.49 -7.35
C LEU A 103 -18.99 4.44 -7.80
N VAL A 104 -17.85 4.37 -7.14
CA VAL A 104 -16.82 3.39 -7.50
C VAL A 104 -17.23 1.97 -7.09
N SER A 105 -17.79 1.81 -5.89
CA SER A 105 -18.23 0.50 -5.40
C SER A 105 -19.30 -0.17 -6.28
N GLN A 106 -20.02 0.63 -7.07
CA GLN A 106 -21.04 0.10 -7.97
C GLN A 106 -20.39 -0.73 -9.06
N GLU A 107 -19.16 -0.37 -9.43
CA GLU A 107 -18.43 -1.09 -10.48
C GLU A 107 -17.33 -1.98 -9.92
N PHE A 108 -16.52 -1.45 -9.01
CA PHE A 108 -15.45 -2.20 -8.40
C PHE A 108 -16.08 -3.11 -7.33
N THR A 109 -16.53 -4.28 -7.75
CA THR A 109 -17.20 -5.22 -6.87
C THR A 109 -16.49 -6.55 -6.70
N VAL A 110 -16.97 -7.33 -5.73
CA VAL A 110 -16.43 -8.65 -5.46
C VAL A 110 -16.69 -9.55 -6.67
N ARG A 111 -17.84 -9.37 -7.32
CA ARG A 111 -18.18 -10.15 -8.49
C ARG A 111 -17.13 -9.95 -9.58
N ARG A 112 -16.80 -8.69 -9.87
CA ARG A 112 -15.81 -8.39 -10.91
C ARG A 112 -14.43 -8.92 -10.57
N VAL A 113 -14.11 -8.95 -9.28
CA VAL A 113 -12.84 -9.45 -8.80
C VAL A 113 -12.81 -10.99 -8.93
N GLU A 114 -13.88 -11.63 -8.48
CA GLU A 114 -14.00 -13.09 -8.55
C GLU A 114 -13.90 -13.62 -9.98
N ALA A 115 -14.49 -12.89 -10.92
CA ALA A 115 -14.47 -13.29 -12.31
C ALA A 115 -13.05 -13.26 -12.88
N MET A 116 -12.13 -12.64 -12.15
CA MET A 116 -10.74 -12.55 -12.57
C MET A 116 -9.84 -13.63 -12.03
N ARG A 117 -10.35 -14.46 -11.12
CA ARG A 117 -9.54 -15.53 -10.56
C ARG A 117 -8.89 -16.45 -11.61
N PRO A 118 -9.65 -16.87 -12.64
CA PRO A 118 -9.05 -17.73 -13.66
C PRO A 118 -7.89 -17.06 -14.39
N ARG A 119 -8.03 -15.77 -14.67
CA ARG A 119 -6.99 -15.06 -15.37
C ARG A 119 -5.74 -14.83 -14.51
N VAL A 120 -5.90 -14.59 -13.21
CA VAL A 120 -4.74 -14.37 -12.35
C VAL A 120 -3.96 -15.67 -12.15
N GLU A 121 -4.67 -16.80 -12.16
CA GLU A 121 -4.03 -18.09 -12.03
C GLU A 121 -3.19 -18.35 -13.26
N GLN A 122 -3.75 -18.05 -14.43
CA GLN A 122 -3.08 -18.24 -15.72
C GLN A 122 -1.82 -17.37 -15.84
N ILE A 123 -1.93 -16.10 -15.45
CA ILE A 123 -0.79 -15.17 -15.51
C ILE A 123 0.30 -15.65 -14.56
N THR A 124 -0.11 -16.15 -13.39
CA THR A 124 0.83 -16.66 -12.40
C THR A 124 1.58 -17.86 -13.00
N ALA A 125 0.84 -18.74 -13.66
CA ALA A 125 1.42 -19.94 -14.27
C ALA A 125 2.41 -19.58 -15.37
N GLU A 126 2.05 -18.59 -16.19
CA GLU A 126 2.91 -18.17 -17.28
C GLU A 126 4.23 -17.60 -16.73
N LEU A 127 4.14 -16.64 -15.81
CA LEU A 127 5.33 -16.04 -15.22
C LEU A 127 6.24 -17.11 -14.65
N LEU A 128 5.65 -18.11 -14.02
CA LEU A 128 6.42 -19.20 -13.44
C LEU A 128 7.01 -20.13 -14.51
N ASP A 129 6.33 -20.25 -15.65
CA ASP A 129 6.84 -21.10 -16.73
C ASP A 129 8.11 -20.45 -17.28
N GLU A 130 8.14 -19.13 -17.27
CA GLU A 130 9.26 -18.34 -17.80
C GLU A 130 10.56 -18.32 -16.98
N VAL A 131 10.46 -18.49 -15.66
CA VAL A 131 11.65 -18.46 -14.81
C VAL A 131 12.55 -19.69 -14.98
N GLY A 132 12.00 -20.75 -15.55
CA GLY A 132 12.76 -21.97 -15.75
C GLY A 132 12.44 -22.92 -14.60
N ASP A 133 13.48 -23.60 -14.11
CA ASP A 133 13.35 -24.55 -13.02
C ASP A 133 14.68 -24.82 -12.33
N SER A 134 15.67 -23.97 -12.59
CA SER A 134 16.99 -24.13 -12.02
C SER A 134 17.74 -22.79 -11.95
N GLY A 135 18.59 -22.65 -10.94
CA GLY A 135 19.37 -21.43 -10.79
C GLY A 135 18.80 -20.37 -9.87
N VAL A 136 19.43 -19.19 -9.90
CA VAL A 136 19.05 -18.02 -9.11
C VAL A 136 18.34 -17.04 -10.02
N VAL A 137 17.22 -16.50 -9.52
CA VAL A 137 16.45 -15.50 -10.25
C VAL A 137 15.96 -14.48 -9.24
N ASP A 138 15.79 -13.24 -9.68
CA ASP A 138 15.27 -12.21 -8.81
C ASP A 138 13.76 -12.45 -8.86
N ILE A 139 13.22 -13.06 -7.82
CA ILE A 139 11.79 -13.37 -7.76
C ILE A 139 10.90 -12.11 -7.83
N VAL A 140 11.46 -10.95 -7.54
CA VAL A 140 10.70 -9.71 -7.59
C VAL A 140 10.54 -9.27 -9.05
N ASP A 141 11.65 -9.18 -9.77
CA ASP A 141 11.64 -8.76 -11.17
C ASP A 141 10.95 -9.76 -12.08
N ARG A 142 11.04 -11.04 -11.73
CA ARG A 142 10.45 -12.07 -12.56
C ARG A 142 9.11 -12.59 -12.11
N PHE A 143 8.60 -12.10 -10.98
CA PHE A 143 7.34 -12.62 -10.48
C PHE A 143 6.51 -11.64 -9.67
N ALA A 144 6.96 -11.35 -8.46
CA ALA A 144 6.27 -10.44 -7.53
C ALA A 144 5.83 -9.15 -8.17
N HIS A 145 6.68 -8.58 -9.03
CA HIS A 145 6.40 -7.32 -9.68
C HIS A 145 5.48 -7.38 -10.92
N PRO A 146 5.83 -8.18 -11.95
CA PRO A 146 4.96 -8.24 -13.13
C PRO A 146 3.56 -8.82 -12.93
N LEU A 147 3.40 -9.72 -11.96
CA LEU A 147 2.10 -10.32 -11.68
C LEU A 147 1.01 -9.28 -11.35
N PRO A 148 1.20 -8.45 -10.30
CA PRO A 148 0.22 -7.43 -9.94
C PRO A 148 -0.03 -6.40 -11.07
N ILE A 149 1.02 -6.05 -11.81
CA ILE A 149 0.89 -5.09 -12.90
C ILE A 149 0.00 -5.62 -14.03
N LYS A 150 0.22 -6.86 -14.46
CA LYS A 150 -0.60 -7.43 -15.53
C LYS A 150 -2.06 -7.48 -15.12
N VAL A 151 -2.32 -7.83 -13.87
CA VAL A 151 -3.69 -7.93 -13.38
C VAL A 151 -4.38 -6.56 -13.35
N ILE A 152 -3.68 -5.52 -12.93
CA ILE A 152 -4.30 -4.20 -12.87
C ILE A 152 -4.48 -3.57 -14.26
N CYS A 153 -3.59 -3.89 -15.18
CA CYS A 153 -3.72 -3.35 -16.53
C CYS A 153 -4.91 -3.98 -17.22
N GLU A 154 -5.09 -5.28 -17.03
CA GLU A 154 -6.22 -5.95 -17.63
C GLU A 154 -7.52 -5.39 -17.05
N LEU A 155 -7.55 -5.16 -15.74
CA LEU A 155 -8.73 -4.63 -15.08
C LEU A 155 -9.08 -3.21 -15.53
N LEU A 156 -8.06 -2.41 -15.84
CA LEU A 156 -8.30 -1.04 -16.27
C LEU A 156 -8.22 -0.84 -17.77
N GLY A 157 -7.83 -1.87 -18.52
CA GLY A 157 -7.74 -1.71 -19.96
C GLY A 157 -6.50 -0.96 -20.43
N VAL A 158 -5.40 -1.11 -19.68
CA VAL A 158 -4.12 -0.48 -20.02
C VAL A 158 -3.37 -1.54 -20.81
N ASP A 159 -2.54 -1.16 -21.77
CA ASP A 159 -1.83 -2.14 -22.57
C ASP A 159 -0.31 -2.11 -22.72
N GLU A 160 0.18 -3.12 -23.43
CA GLU A 160 1.60 -3.36 -23.74
C GLU A 160 2.55 -2.17 -23.67
N ALA A 161 2.49 -1.31 -24.68
CA ALA A 161 3.37 -0.12 -24.74
C ALA A 161 2.89 0.98 -23.79
N ALA A 162 2.93 0.66 -22.50
CA ALA A 162 2.52 1.57 -21.44
C ALA A 162 3.01 0.93 -20.15
N ARG A 163 2.74 -0.36 -20.01
CA ARG A 163 3.16 -1.13 -18.85
C ARG A 163 4.68 -1.01 -18.77
N GLY A 164 5.24 -1.20 -17.58
CA GLY A 164 6.68 -1.11 -17.45
C GLY A 164 7.17 0.33 -17.38
N ALA A 165 6.48 1.25 -18.07
CA ALA A 165 6.84 2.65 -18.04
C ALA A 165 6.52 3.18 -16.64
N PHE A 166 5.26 3.03 -16.24
CA PHE A 166 4.84 3.47 -14.91
C PHE A 166 5.55 2.74 -13.76
N GLY A 167 6.33 1.72 -14.10
CA GLY A 167 7.05 0.98 -13.08
C GLY A 167 8.16 1.83 -12.50
N ARG A 168 8.92 2.49 -13.38
CA ARG A 168 10.02 3.35 -12.95
C ARG A 168 9.49 4.61 -12.27
N TRP A 169 8.41 5.18 -12.79
CA TRP A 169 7.80 6.38 -12.20
C TRP A 169 7.39 6.03 -10.78
N SER A 170 6.67 4.91 -10.66
CA SER A 170 6.21 4.38 -9.39
C SER A 170 7.40 4.24 -8.42
N SER A 171 8.50 3.73 -8.96
CA SER A 171 9.73 3.53 -8.19
C SER A 171 10.26 4.83 -7.59
N GLU A 172 10.18 5.91 -8.34
CA GLU A 172 10.66 7.21 -7.88
C GLU A 172 9.73 7.86 -6.85
N ILE A 173 8.43 7.79 -7.11
CA ILE A 173 7.43 8.39 -6.22
C ILE A 173 7.32 7.69 -4.86
N LEU A 174 7.73 6.43 -4.80
CA LEU A 174 7.67 5.66 -3.55
C LEU A 174 8.55 6.19 -2.42
N VAL A 175 9.55 6.99 -2.75
CA VAL A 175 10.47 7.48 -1.73
C VAL A 175 10.60 9.00 -1.71
N MET A 176 10.65 9.57 -0.52
CA MET A 176 10.78 11.01 -0.40
C MET A 176 12.18 11.39 0.05
N ASP A 177 13.05 11.68 -0.90
CA ASP A 177 14.40 12.10 -0.59
C ASP A 177 14.42 13.57 -0.96
N PRO A 178 14.63 14.45 0.02
CA PRO A 178 14.68 15.91 -0.13
C PRO A 178 15.49 16.41 -1.32
N GLU A 179 16.63 15.77 -1.59
CA GLU A 179 17.48 16.19 -2.71
C GLU A 179 16.97 15.77 -4.09
N ARG A 180 16.18 14.71 -4.14
CA ARG A 180 15.65 14.23 -5.42
C ARG A 180 14.24 14.76 -5.69
N ALA A 181 13.80 15.72 -4.89
CA ALA A 181 12.47 16.31 -4.98
C ALA A 181 11.90 16.56 -6.37
N GLU A 182 12.61 17.30 -7.22
CA GLU A 182 12.06 17.56 -8.54
C GLU A 182 12.02 16.32 -9.44
N GLN A 183 12.96 15.40 -9.25
CA GLN A 183 12.94 14.16 -10.03
C GLN A 183 11.67 13.42 -9.62
N ARG A 184 11.23 13.65 -8.39
CA ARG A 184 10.03 13.04 -7.85
C ARG A 184 8.83 13.73 -8.47
N GLY A 185 8.90 15.06 -8.54
CA GLY A 185 7.82 15.83 -9.14
C GLY A 185 7.70 15.57 -10.62
N GLN A 186 8.81 15.20 -11.25
CA GLN A 186 8.80 14.92 -12.68
C GLN A 186 8.15 13.60 -13.02
N ALA A 187 8.48 12.54 -12.29
CA ALA A 187 7.88 11.23 -12.52
C ALA A 187 6.38 11.36 -12.31
N ALA A 188 6.00 12.23 -11.36
CA ALA A 188 4.60 12.49 -11.03
C ALA A 188 3.83 13.08 -12.21
N ARG A 189 4.46 13.99 -12.95
CA ARG A 189 3.84 14.62 -14.13
C ARG A 189 3.65 13.56 -15.21
N GLU A 190 4.64 12.68 -15.35
CA GLU A 190 4.57 11.63 -16.36
C GLU A 190 3.42 10.68 -16.09
N VAL A 191 3.27 10.27 -14.83
CA VAL A 191 2.17 9.39 -14.43
C VAL A 191 0.86 10.05 -14.84
N VAL A 192 0.72 11.34 -14.52
CA VAL A 192 -0.48 12.12 -14.85
C VAL A 192 -0.76 12.20 -16.35
N ASN A 193 0.29 12.48 -17.14
CA ASN A 193 0.16 12.59 -18.59
C ASN A 193 -0.30 11.26 -19.16
N PHE A 194 0.25 10.18 -18.62
CA PHE A 194 -0.12 8.85 -19.03
C PHE A 194 -1.62 8.61 -18.78
N ILE A 195 -2.06 8.91 -17.56
CA ILE A 195 -3.46 8.73 -17.17
C ILE A 195 -4.40 9.58 -18.01
N LEU A 196 -4.05 10.84 -18.22
CA LEU A 196 -4.88 11.72 -19.02
C LEU A 196 -5.14 11.12 -20.40
N ASP A 197 -4.09 10.56 -20.99
CA ASP A 197 -4.19 9.94 -22.31
C ASP A 197 -5.01 8.64 -22.27
N LEU A 198 -4.86 7.90 -21.18
CA LEU A 198 -5.57 6.65 -20.99
C LEU A 198 -7.08 6.85 -20.95
N VAL A 199 -7.52 7.79 -20.12
CA VAL A 199 -8.94 8.07 -19.96
C VAL A 199 -9.57 8.56 -21.26
N GLU A 200 -8.92 9.49 -21.95
CA GLU A 200 -9.45 10.02 -23.19
C GLU A 200 -9.55 8.92 -24.25
N ARG A 201 -8.59 8.00 -24.25
CA ARG A 201 -8.59 6.90 -25.19
C ARG A 201 -9.77 5.97 -24.89
N ARG A 202 -10.07 5.80 -23.61
CA ARG A 202 -11.18 4.94 -23.22
C ARG A 202 -12.53 5.58 -23.53
N ARG A 203 -12.60 6.91 -23.43
CA ARG A 203 -13.83 7.65 -23.74
C ARG A 203 -14.16 7.48 -25.21
N THR A 204 -13.10 7.46 -26.01
CA THR A 204 -13.20 7.29 -27.45
C THR A 204 -13.50 5.84 -27.83
N GLU A 205 -13.00 4.87 -27.06
CA GLU A 205 -13.25 3.46 -27.35
C GLU A 205 -13.48 2.61 -26.10
N PRO A 206 -14.71 2.65 -25.57
CA PRO A 206 -15.12 1.91 -24.37
C PRO A 206 -15.09 0.40 -24.54
N GLY A 207 -14.87 -0.31 -23.43
CA GLY A 207 -14.80 -1.75 -23.43
C GLY A 207 -15.47 -2.34 -22.20
N ASP A 208 -15.12 -3.57 -21.84
CA ASP A 208 -15.68 -4.24 -20.68
C ASP A 208 -14.92 -3.95 -19.40
N ASP A 209 -13.82 -3.22 -19.53
CA ASP A 209 -12.97 -2.88 -18.38
C ASP A 209 -13.66 -1.99 -17.35
N LEU A 210 -13.06 -1.93 -16.18
CA LEU A 210 -13.57 -1.12 -15.08
C LEU A 210 -13.57 0.38 -15.38
N LEU A 211 -12.55 0.88 -16.06
CA LEU A 211 -12.48 2.29 -16.37
C LEU A 211 -13.59 2.74 -17.32
N SER A 212 -13.95 1.89 -18.28
CA SER A 212 -15.03 2.22 -19.22
C SER A 212 -16.30 2.32 -18.39
N ALA A 213 -16.44 1.36 -17.48
CA ALA A 213 -17.57 1.28 -16.57
C ALA A 213 -17.74 2.52 -15.70
N LEU A 214 -16.63 2.99 -15.15
CA LEU A 214 -16.66 4.19 -14.31
C LEU A 214 -17.02 5.45 -15.10
N ILE A 215 -16.76 5.44 -16.40
CA ILE A 215 -17.07 6.58 -17.25
C ILE A 215 -18.59 6.72 -17.47
N SER A 216 -19.30 5.59 -17.46
CA SER A 216 -20.75 5.59 -17.66
C SER A 216 -21.48 5.60 -16.33
N VAL A 217 -20.81 5.10 -15.30
CA VAL A 217 -21.38 5.00 -13.96
C VAL A 217 -22.19 6.24 -13.59
N GLN A 218 -23.34 6.01 -12.97
CA GLN A 218 -24.23 7.08 -12.58
C GLN A 218 -25.14 6.67 -11.43
N ASP A 219 -25.59 7.65 -10.66
CA ASP A 219 -26.48 7.40 -9.56
C ASP A 219 -27.52 8.50 -9.53
N ASP A 220 -28.74 8.15 -9.14
CA ASP A 220 -29.83 9.11 -9.07
C ASP A 220 -29.66 10.14 -7.96
N ASP A 221 -29.15 9.68 -6.82
CA ASP A 221 -28.96 10.55 -5.66
C ASP A 221 -27.54 11.11 -5.53
N ASP A 222 -26.56 10.48 -6.17
CA ASP A 222 -25.17 10.93 -6.09
C ASP A 222 -24.66 11.56 -7.39
N GLY A 223 -25.23 11.13 -8.52
CA GLY A 223 -24.83 11.68 -9.79
C GLY A 223 -23.79 10.85 -10.51
N ARG A 224 -22.82 11.55 -11.10
CA ARG A 224 -21.73 10.92 -11.83
C ARG A 224 -20.40 11.51 -11.34
N LEU A 225 -19.29 11.01 -11.87
CA LEU A 225 -17.96 11.48 -11.52
C LEU A 225 -17.54 12.56 -12.51
N SER A 226 -16.93 13.62 -12.02
CA SER A 226 -16.49 14.70 -12.88
C SER A 226 -15.24 14.22 -13.60
N ALA A 227 -14.83 14.93 -14.66
CA ALA A 227 -13.63 14.56 -15.40
C ALA A 227 -12.43 14.40 -14.46
N ASP A 228 -12.27 15.37 -13.56
CA ASP A 228 -11.17 15.37 -12.60
C ASP A 228 -11.22 14.18 -11.65
N GLU A 229 -12.40 13.90 -11.11
CA GLU A 229 -12.55 12.78 -10.20
C GLU A 229 -12.25 11.48 -10.93
N LEU A 230 -12.70 11.40 -12.17
CA LEU A 230 -12.48 10.21 -13.00
C LEU A 230 -10.99 10.00 -13.19
N THR A 231 -10.30 11.06 -13.60
CA THR A 231 -8.86 11.00 -13.83
C THR A 231 -8.08 10.67 -12.55
N SER A 232 -8.48 11.26 -11.42
CA SER A 232 -7.80 11.01 -10.15
C SER A 232 -8.07 9.58 -9.65
N ILE A 233 -9.31 9.12 -9.83
CA ILE A 233 -9.70 7.79 -9.39
C ILE A 233 -8.96 6.73 -10.20
N ALA A 234 -8.81 6.94 -11.50
CA ALA A 234 -8.09 6.01 -12.34
C ALA A 234 -6.61 5.93 -11.91
N LEU A 235 -6.05 7.08 -11.58
CA LEU A 235 -4.66 7.19 -11.15
C LEU A 235 -4.40 6.37 -9.88
N VAL A 236 -5.23 6.56 -8.86
CA VAL A 236 -5.07 5.84 -7.61
C VAL A 236 -5.36 4.34 -7.74
N LEU A 237 -6.35 3.98 -8.55
CA LEU A 237 -6.68 2.56 -8.74
C LEU A 237 -5.54 1.84 -9.43
N LEU A 238 -4.91 2.51 -10.39
CA LEU A 238 -3.77 1.93 -11.10
C LEU A 238 -2.57 1.77 -10.15
N LEU A 239 -2.18 2.87 -9.51
CA LEU A 239 -1.04 2.85 -8.59
C LEU A 239 -1.25 1.97 -7.37
N ALA A 240 -2.30 2.22 -6.59
CA ALA A 240 -2.58 1.43 -5.41
C ALA A 240 -2.97 0.00 -5.80
N GLY A 241 -3.43 -0.16 -7.04
CA GLY A 241 -3.82 -1.47 -7.53
C GLY A 241 -2.72 -2.49 -7.66
N PHE A 242 -1.46 -2.08 -7.76
CA PHE A 242 -0.37 -3.04 -7.90
C PHE A 242 0.80 -2.94 -6.95
N GLU A 243 1.14 -1.71 -6.54
CA GLU A 243 2.30 -1.50 -5.67
C GLU A 243 2.32 -2.27 -4.34
N ALA A 244 1.27 -2.16 -3.54
CA ALA A 244 1.25 -2.88 -2.27
C ALA A 244 1.18 -4.39 -2.50
N SER A 245 0.60 -4.81 -3.61
CA SER A 245 0.50 -6.23 -3.91
C SER A 245 1.88 -6.79 -4.18
N VAL A 246 2.74 -5.97 -4.77
CA VAL A 246 4.10 -6.39 -5.04
C VAL A 246 4.77 -6.62 -3.69
N SER A 247 4.61 -5.66 -2.78
CA SER A 247 5.21 -5.77 -1.46
C SER A 247 4.73 -7.03 -0.75
N LEU A 248 3.42 -7.32 -0.84
CA LEU A 248 2.87 -8.51 -0.19
C LEU A 248 3.49 -9.81 -0.68
N ILE A 249 3.64 -9.95 -2.00
CA ILE A 249 4.21 -11.17 -2.57
C ILE A 249 5.70 -11.29 -2.29
N GLY A 250 6.44 -10.21 -2.45
CA GLY A 250 7.88 -10.24 -2.19
C GLY A 250 8.23 -10.45 -0.71
N ILE A 251 7.61 -9.69 0.18
CA ILE A 251 7.87 -9.80 1.63
C ILE A 251 7.40 -11.15 2.13
N GLY A 252 6.27 -11.61 1.59
CA GLY A 252 5.72 -12.90 1.97
C GLY A 252 6.62 -14.08 1.60
N THR A 253 7.21 -14.03 0.40
CA THR A 253 8.12 -15.09 -0.04
C THR A 253 9.32 -15.10 0.89
N TYR A 254 9.83 -13.90 1.18
CA TYR A 254 10.96 -13.73 2.08
C TYR A 254 10.63 -14.30 3.46
N LEU A 255 9.43 -13.99 3.97
CA LEU A 255 9.00 -14.47 5.29
C LEU A 255 8.89 -15.98 5.40
N LEU A 256 8.23 -16.62 4.45
CA LEU A 256 8.08 -18.07 4.49
C LEU A 256 9.42 -18.79 4.34
N LEU A 257 10.35 -18.20 3.60
CA LEU A 257 11.65 -18.83 3.39
C LEU A 257 12.51 -18.80 4.65
N THR A 258 12.37 -17.74 5.44
CA THR A 258 13.13 -17.57 6.68
C THR A 258 12.49 -18.24 7.89
N HIS A 259 11.28 -18.76 7.72
CA HIS A 259 10.58 -19.43 8.80
C HIS A 259 10.10 -20.77 8.25
N PRO A 260 11.05 -21.71 8.05
CA PRO A 260 10.83 -23.07 7.52
C PRO A 260 9.63 -23.76 8.15
N ASP A 261 9.52 -23.60 9.46
CA ASP A 261 8.44 -24.16 10.27
C ASP A 261 7.05 -23.76 9.74
N GLN A 262 6.89 -22.47 9.47
CA GLN A 262 5.63 -21.92 8.98
C GLN A 262 5.38 -22.36 7.55
N LEU A 263 6.44 -22.42 6.75
CA LEU A 263 6.36 -22.83 5.35
C LEU A 263 5.89 -24.29 5.27
N ALA A 264 6.40 -25.13 6.17
CA ALA A 264 6.02 -26.55 6.20
C ALA A 264 4.54 -26.65 6.56
N LEU A 265 4.12 -25.79 7.48
CA LEU A 265 2.74 -25.75 7.95
C LEU A 265 1.79 -25.40 6.79
N VAL A 266 2.25 -24.52 5.89
CA VAL A 266 1.47 -24.08 4.74
C VAL A 266 1.36 -25.13 3.64
N ARG A 267 2.48 -25.78 3.32
CA ARG A 267 2.51 -26.83 2.29
C ARG A 267 1.59 -27.99 2.68
N ALA A 268 1.55 -28.28 3.98
CA ALA A 268 0.73 -29.35 4.52
C ALA A 268 -0.76 -29.10 4.33
N ASP A 269 -1.24 -27.96 4.83
CA ASP A 269 -2.66 -27.62 4.72
C ASP A 269 -2.87 -26.34 3.91
N PRO A 270 -3.39 -26.47 2.67
CA PRO A 270 -3.63 -25.29 1.82
C PRO A 270 -4.65 -24.33 2.41
N SER A 271 -5.52 -24.84 3.27
CA SER A 271 -6.55 -24.05 3.92
C SER A 271 -5.95 -23.07 4.92
N ALA A 272 -4.66 -23.21 5.18
CA ALA A 272 -3.95 -22.34 6.12
C ALA A 272 -3.30 -21.18 5.38
N LEU A 273 -3.42 -21.17 4.07
CA LEU A 273 -2.82 -20.11 3.28
C LEU A 273 -3.47 -18.76 3.53
N PRO A 274 -4.81 -18.71 3.51
CA PRO A 274 -5.49 -17.43 3.75
C PRO A 274 -5.02 -16.68 5.00
N ASN A 275 -4.88 -17.39 6.12
CA ASN A 275 -4.44 -16.74 7.36
C ASN A 275 -2.95 -16.41 7.32
N ALA A 276 -2.22 -17.12 6.49
CA ALA A 276 -0.79 -16.87 6.33
C ALA A 276 -0.65 -15.50 5.71
N VAL A 277 -1.52 -15.20 4.74
CA VAL A 277 -1.51 -13.91 4.06
C VAL A 277 -1.77 -12.78 5.05
N GLU A 278 -2.78 -12.98 5.90
CA GLU A 278 -3.17 -12.01 6.94
C GLU A 278 -2.04 -11.77 7.94
N GLU A 279 -1.35 -12.83 8.32
CA GLU A 279 -0.25 -12.71 9.25
C GLU A 279 0.95 -12.02 8.61
N ILE A 280 1.12 -12.19 7.31
CA ILE A 280 2.22 -11.54 6.61
C ILE A 280 1.96 -10.03 6.61
N LEU A 281 0.70 -9.64 6.36
CA LEU A 281 0.31 -8.23 6.35
C LEU A 281 0.43 -7.62 7.75
N ARG A 282 0.05 -8.40 8.76
CA ARG A 282 0.14 -7.92 10.14
C ARG A 282 1.59 -7.73 10.54
N TYR A 283 2.42 -8.72 10.22
CA TYR A 283 3.82 -8.71 10.59
C TYR A 283 4.63 -7.56 10.00
N ILE A 284 4.52 -7.34 8.69
CA ILE A 284 5.22 -6.24 8.03
C ILE A 284 4.23 -5.57 7.07
N ALA A 285 3.47 -4.61 7.61
CA ALA A 285 2.48 -3.89 6.83
C ALA A 285 3.13 -3.00 5.79
N PRO A 286 2.76 -3.18 4.50
CA PRO A 286 3.38 -2.32 3.48
C PRO A 286 3.12 -0.85 3.80
N PRO A 287 1.84 -0.44 4.04
CA PRO A 287 1.61 0.98 4.34
C PRO A 287 1.93 1.21 5.82
N GLU A 288 3.22 1.22 6.14
CA GLU A 288 3.69 1.40 7.50
C GLU A 288 3.14 2.63 8.20
N THR A 289 2.91 3.68 7.42
CA THR A 289 2.42 4.93 7.95
C THR A 289 1.26 5.46 7.11
N THR A 290 0.29 6.09 7.79
CA THR A 290 -0.89 6.70 7.16
C THR A 290 -0.90 8.15 7.65
N THR A 291 -1.25 9.10 6.77
CA THR A 291 -1.25 10.50 7.16
C THR A 291 -2.63 11.12 7.34
N ARG A 292 -2.72 11.97 8.35
CA ARG A 292 -3.95 12.68 8.69
C ARG A 292 -3.55 14.12 9.03
N PHE A 293 -4.51 15.03 8.93
CA PHE A 293 -4.27 16.43 9.25
C PHE A 293 -5.29 16.84 10.31
N ALA A 294 -4.81 17.40 11.41
CA ALA A 294 -5.69 17.83 12.50
C ALA A 294 -6.44 19.12 12.19
N ALA A 295 -7.69 19.00 11.74
CA ALA A 295 -8.50 20.17 11.41
C ALA A 295 -8.92 20.93 12.66
N GLU A 296 -8.91 20.26 13.79
CA GLU A 296 -9.27 20.82 15.09
C GLU A 296 -8.30 20.22 16.07
N GLU A 297 -8.18 20.79 17.26
CA GLU A 297 -7.29 20.20 18.26
C GLU A 297 -7.95 18.89 18.66
N VAL A 298 -7.16 17.83 18.73
CA VAL A 298 -7.66 16.50 19.06
C VAL A 298 -6.84 15.87 20.16
N GLU A 299 -7.48 15.19 21.10
CA GLU A 299 -6.73 14.54 22.17
C GLU A 299 -6.61 13.04 21.84
N ILE A 300 -5.38 12.58 21.66
CA ILE A 300 -5.13 11.17 21.37
C ILE A 300 -4.34 10.52 22.49
N GLY A 301 -4.96 9.58 23.17
CA GLY A 301 -4.29 8.88 24.27
C GLY A 301 -3.79 9.79 25.37
N GLY A 302 -4.64 10.73 25.79
CA GLY A 302 -4.28 11.66 26.84
C GLY A 302 -3.34 12.78 26.39
N VAL A 303 -3.04 12.81 25.09
CA VAL A 303 -2.15 13.83 24.56
C VAL A 303 -2.88 14.75 23.58
N ALA A 304 -2.81 16.05 23.84
CA ALA A 304 -3.47 17.03 22.99
C ALA A 304 -2.65 17.36 21.74
N ILE A 305 -3.17 16.97 20.59
CA ILE A 305 -2.52 17.25 19.32
C ILE A 305 -3.08 18.59 18.84
N PRO A 306 -2.22 19.61 18.80
CA PRO A 306 -2.58 20.97 18.38
C PRO A 306 -3.25 21.02 17.02
N GLN A 307 -4.10 22.01 16.84
CA GLN A 307 -4.79 22.20 15.59
C GLN A 307 -3.77 22.49 14.48
N TYR A 308 -4.04 21.95 13.30
CA TYR A 308 -3.20 22.11 12.12
C TYR A 308 -1.95 21.26 12.14
N SER A 309 -1.90 20.26 13.01
CA SER A 309 -0.73 19.39 13.04
C SER A 309 -0.86 18.30 11.99
N THR A 310 0.29 17.76 11.58
CA THR A 310 0.33 16.66 10.62
C THR A 310 0.49 15.44 11.51
N VAL A 311 -0.35 14.44 11.30
CA VAL A 311 -0.31 13.24 12.11
C VAL A 311 0.02 12.00 11.30
N LEU A 312 1.07 11.31 11.71
CA LEU A 312 1.50 10.09 11.06
C LEU A 312 1.10 8.89 11.90
N VAL A 313 0.03 8.23 11.48
CA VAL A 313 -0.44 7.05 12.19
C VAL A 313 0.39 5.88 11.67
N ALA A 314 1.26 5.34 12.50
CA ALA A 314 2.10 4.23 12.08
C ALA A 314 1.38 2.89 12.17
N ASN A 315 0.64 2.55 11.12
CA ASN A 315 -0.10 1.28 11.05
C ASN A 315 0.82 0.10 11.37
N GLY A 316 2.02 0.15 10.80
CA GLY A 316 2.99 -0.90 10.99
C GLY A 316 3.40 -1.11 12.44
N ALA A 317 3.58 -0.02 13.16
CA ALA A 317 3.98 -0.10 14.56
C ALA A 317 2.84 -0.68 15.39
N ALA A 318 1.63 -0.19 15.15
CA ALA A 318 0.45 -0.64 15.88
C ALA A 318 0.23 -2.15 15.80
N ASN A 319 0.49 -2.73 14.63
CA ASN A 319 0.32 -4.16 14.42
C ASN A 319 1.25 -5.00 15.30
N ARG A 320 2.26 -4.36 15.86
CA ARG A 320 3.19 -5.08 16.72
C ARG A 320 3.14 -4.59 18.17
N ASP A 321 1.98 -4.07 18.55
CA ASP A 321 1.75 -3.58 19.91
C ASP A 321 1.40 -4.81 20.74
N PRO A 322 2.27 -5.15 21.72
CA PRO A 322 2.08 -6.31 22.61
C PRO A 322 0.76 -6.41 23.33
N SER A 323 0.16 -5.28 23.67
CA SER A 323 -1.11 -5.33 24.37
C SER A 323 -2.20 -5.84 23.43
N GLN A 324 -1.99 -5.70 22.13
CA GLN A 324 -2.98 -6.16 21.16
C GLN A 324 -2.61 -7.51 20.54
N PHE A 325 -1.33 -7.68 20.23
CA PHE A 325 -0.82 -8.91 19.63
C PHE A 325 0.34 -9.43 20.48
N PRO A 326 0.09 -10.43 21.33
CA PRO A 326 1.09 -11.04 22.22
C PRO A 326 2.20 -11.73 21.42
N ASP A 327 3.45 -11.43 21.78
CA ASP A 327 4.62 -11.98 21.09
C ASP A 327 4.47 -11.45 19.65
N PRO A 328 4.36 -10.13 19.51
CA PRO A 328 4.19 -9.43 18.23
C PRO A 328 5.36 -9.56 17.27
N HIS A 329 6.50 -10.05 17.75
CA HIS A 329 7.64 -10.20 16.88
C HIS A 329 7.78 -11.63 16.41
N ARG A 330 6.78 -12.45 16.71
CA ARG A 330 6.82 -13.83 16.27
C ARG A 330 5.89 -13.98 15.07
N PHE A 331 6.46 -14.29 13.92
CA PHE A 331 5.66 -14.49 12.72
C PHE A 331 4.94 -15.83 12.86
N ASP A 332 3.65 -15.79 13.21
CA ASP A 332 2.89 -17.02 13.37
C ASP A 332 1.63 -17.05 12.52
N VAL A 333 1.64 -17.92 11.53
CA VAL A 333 0.53 -18.06 10.58
C VAL A 333 -0.74 -18.70 11.14
N THR A 334 -0.74 -19.06 12.42
CA THR A 334 -1.92 -19.68 13.03
C THR A 334 -2.64 -18.73 13.99
N ARG A 335 -1.93 -17.69 14.41
CA ARG A 335 -2.47 -16.70 15.33
C ARG A 335 -3.69 -15.97 14.79
N ASP A 336 -4.51 -15.46 15.69
CA ASP A 336 -5.69 -14.71 15.31
C ASP A 336 -5.09 -13.38 14.87
N THR A 337 -5.33 -13.02 13.62
CA THR A 337 -4.79 -11.77 13.09
C THR A 337 -5.88 -10.69 13.03
N ARG A 338 -7.04 -11.01 13.60
CA ARG A 338 -8.18 -10.11 13.63
C ARG A 338 -7.82 -8.77 14.24
N GLY A 339 -8.23 -7.69 13.59
CA GLY A 339 -7.95 -6.37 14.12
C GLY A 339 -6.68 -5.66 13.64
N HIS A 340 -5.80 -6.32 12.90
CA HIS A 340 -4.59 -5.63 12.45
C HIS A 340 -5.05 -4.44 11.62
N LEU A 341 -4.18 -3.44 11.49
CA LEU A 341 -4.52 -2.22 10.74
C LEU A 341 -3.93 -2.04 9.34
N SER A 342 -3.50 -3.14 8.72
CA SER A 342 -2.89 -3.10 7.39
C SER A 342 -3.75 -2.68 6.19
N PHE A 343 -5.07 -2.85 6.32
CA PHE A 343 -6.03 -2.46 5.26
C PHE A 343 -6.78 -1.20 5.71
N GLY A 344 -6.29 -0.59 6.79
CA GLY A 344 -6.92 0.61 7.31
C GLY A 344 -7.88 0.32 8.43
N GLN A 345 -8.77 1.27 8.67
CA GLN A 345 -9.75 1.20 9.72
C GLN A 345 -10.72 2.35 9.52
N GLY A 346 -12.01 2.07 9.58
CA GLY A 346 -12.99 3.12 9.45
C GLY A 346 -13.49 3.35 8.03
N ILE A 347 -13.84 4.59 7.75
CA ILE A 347 -14.38 4.92 6.44
C ILE A 347 -13.45 4.72 5.23
N HIS A 348 -12.15 4.91 5.44
CA HIS A 348 -11.22 4.75 4.33
C HIS A 348 -10.68 3.33 4.18
N PHE A 349 -11.36 2.36 4.80
CA PHE A 349 -10.94 0.96 4.73
C PHE A 349 -10.68 0.55 3.29
N CYS A 350 -9.59 -0.17 3.08
CA CYS A 350 -9.17 -0.61 1.75
C CYS A 350 -10.22 -1.26 0.87
N MET A 351 -10.59 -0.55 -0.21
CA MET A 351 -11.57 -1.08 -1.16
C MET A 351 -10.99 -2.27 -1.90
N GLY A 352 -9.66 -2.31 -1.99
CA GLY A 352 -9.02 -3.39 -2.72
C GLY A 352 -8.67 -4.69 -2.02
N ARG A 353 -9.12 -4.84 -0.78
CA ARG A 353 -8.84 -6.04 0.00
C ARG A 353 -9.09 -7.39 -0.72
N PRO A 354 -10.26 -7.55 -1.38
CA PRO A 354 -10.57 -8.81 -2.08
C PRO A 354 -9.54 -9.19 -3.15
N LEU A 355 -9.11 -8.20 -3.93
CA LEU A 355 -8.14 -8.44 -4.98
C LEU A 355 -6.78 -8.76 -4.39
N ALA A 356 -6.39 -8.01 -3.35
CA ALA A 356 -5.09 -8.21 -2.69
C ALA A 356 -4.95 -9.62 -2.11
N LYS A 357 -5.99 -10.09 -1.42
CA LYS A 357 -5.97 -11.41 -0.82
C LYS A 357 -5.94 -12.49 -1.91
N LEU A 358 -6.63 -12.23 -3.02
CA LEU A 358 -6.69 -13.15 -4.15
C LEU A 358 -5.27 -13.34 -4.73
N GLU A 359 -4.61 -12.22 -5.00
CA GLU A 359 -3.27 -12.25 -5.57
C GLU A 359 -2.25 -12.89 -4.65
N GLY A 360 -2.27 -12.52 -3.38
CA GLY A 360 -1.34 -13.10 -2.44
C GLY A 360 -1.53 -14.60 -2.27
N GLU A 361 -2.76 -15.05 -2.16
CA GLU A 361 -3.05 -16.48 -2.03
C GLU A 361 -2.66 -17.27 -3.28
N VAL A 362 -3.15 -16.84 -4.44
CA VAL A 362 -2.83 -17.51 -5.70
C VAL A 362 -1.32 -17.50 -6.01
N ALA A 363 -0.66 -16.37 -5.78
CA ALA A 363 0.77 -16.25 -6.05
C ALA A 363 1.64 -17.17 -5.20
N LEU A 364 1.53 -17.03 -3.89
CA LEU A 364 2.33 -17.84 -2.98
C LEU A 364 2.05 -19.33 -3.08
N ARG A 365 0.79 -19.67 -3.31
CA ARG A 365 0.41 -21.08 -3.46
C ARG A 365 1.07 -21.65 -4.70
N ALA A 366 1.08 -20.85 -5.77
CA ALA A 366 1.69 -21.27 -7.03
C ALA A 366 3.19 -21.30 -6.91
N LEU A 367 3.77 -20.32 -6.24
CA LEU A 367 5.22 -20.26 -6.08
C LEU A 367 5.76 -21.49 -5.38
N PHE A 368 5.37 -21.68 -4.14
CA PHE A 368 5.84 -22.80 -3.31
C PHE A 368 5.39 -24.18 -3.75
N GLY A 369 4.26 -24.26 -4.45
CA GLY A 369 3.79 -25.55 -4.92
C GLY A 369 4.66 -26.03 -6.06
N ARG A 370 5.17 -25.08 -6.83
CA ARG A 370 6.01 -25.36 -7.99
C ARG A 370 7.47 -25.60 -7.62
N PHE A 371 7.96 -24.91 -6.60
CA PHE A 371 9.35 -25.06 -6.21
C PHE A 371 9.50 -25.54 -4.77
N PRO A 372 9.41 -26.85 -4.54
CA PRO A 372 9.53 -27.47 -3.22
C PRO A 372 10.90 -27.27 -2.56
N ALA A 373 11.92 -27.00 -3.37
CA ALA A 373 13.27 -26.80 -2.84
C ALA A 373 13.72 -25.35 -2.92
N LEU A 374 12.79 -24.45 -3.14
CA LEU A 374 13.09 -23.02 -3.23
C LEU A 374 13.77 -22.56 -1.93
N SER A 375 14.83 -21.78 -2.06
CA SER A 375 15.56 -21.26 -0.92
C SER A 375 16.04 -19.84 -1.24
N LEU A 376 16.44 -19.09 -0.21
CA LEU A 376 16.91 -17.73 -0.41
C LEU A 376 18.31 -17.75 -1.04
N GLY A 377 18.47 -17.01 -2.12
CA GLY A 377 19.75 -16.95 -2.80
C GLY A 377 20.78 -16.25 -1.95
N ILE A 378 20.32 -15.33 -1.10
CA ILE A 378 21.23 -14.58 -0.23
C ILE A 378 20.97 -14.85 1.26
N ASP A 379 21.84 -14.29 2.11
CA ASP A 379 21.72 -14.45 3.54
C ASP A 379 20.61 -13.48 3.99
N ALA A 380 19.70 -13.98 4.81
CA ALA A 380 18.57 -13.18 5.29
C ALA A 380 18.94 -11.78 5.77
N ASP A 381 20.09 -11.64 6.41
CA ASP A 381 20.53 -10.35 6.93
C ASP A 381 20.96 -9.39 5.85
N ASP A 382 21.11 -9.89 4.62
CA ASP A 382 21.54 -9.05 3.51
C ASP A 382 20.43 -8.54 2.62
N VAL A 383 19.19 -8.89 2.95
CA VAL A 383 18.02 -8.46 2.19
C VAL A 383 17.86 -6.95 2.38
N VAL A 384 17.85 -6.23 1.26
CA VAL A 384 17.73 -4.78 1.28
C VAL A 384 16.26 -4.32 1.34
N TRP A 385 15.89 -3.67 2.44
CA TRP A 385 14.53 -3.19 2.61
C TRP A 385 14.44 -1.75 2.12
N ARG A 386 13.42 -1.47 1.32
CA ARG A 386 13.20 -0.13 0.78
C ARG A 386 13.07 0.91 1.89
N ARG A 387 13.74 2.05 1.75
CA ARG A 387 13.67 3.10 2.76
C ARG A 387 12.48 4.02 2.54
N SER A 388 11.31 3.57 2.96
CA SER A 388 10.09 4.32 2.79
C SER A 388 9.12 4.03 3.91
N LEU A 389 8.57 5.07 4.50
CA LEU A 389 7.59 4.91 5.55
C LEU A 389 6.22 4.85 4.89
N LEU A 390 6.16 5.33 3.65
CA LEU A 390 4.93 5.37 2.88
C LEU A 390 4.53 3.99 2.41
N LEU A 391 5.51 3.20 1.96
CA LEU A 391 5.22 1.86 1.47
C LEU A 391 6.47 0.97 1.50
N ARG A 392 6.47 -0.01 2.41
CA ARG A 392 7.59 -0.94 2.54
C ARG A 392 7.56 -2.00 1.45
N GLY A 393 8.73 -2.56 1.15
CA GLY A 393 8.85 -3.60 0.14
C GLY A 393 10.29 -3.97 -0.04
N ILE A 394 10.52 -5.02 -0.83
CA ILE A 394 11.88 -5.49 -1.15
C ILE A 394 11.98 -5.35 -2.68
N ASP A 395 12.99 -4.63 -3.15
CA ASP A 395 13.15 -4.41 -4.58
C ASP A 395 13.93 -5.49 -5.36
N HIS A 396 14.72 -6.28 -4.64
CA HIS A 396 15.51 -7.33 -5.28
C HIS A 396 15.58 -8.53 -4.32
N LEU A 397 15.05 -9.68 -4.75
CA LEU A 397 15.06 -10.88 -3.92
C LEU A 397 15.52 -12.11 -4.68
N PRO A 398 16.82 -12.44 -4.59
CA PRO A 398 17.46 -13.58 -5.25
C PRO A 398 17.07 -14.88 -4.56
N VAL A 399 16.51 -15.81 -5.31
CA VAL A 399 16.12 -17.11 -4.75
C VAL A 399 16.70 -18.21 -5.64
N ARG A 400 16.92 -19.39 -5.08
CA ARG A 400 17.44 -20.53 -5.82
C ARG A 400 16.27 -21.46 -6.03
N LEU A 401 15.90 -21.66 -7.29
CA LEU A 401 14.76 -22.49 -7.65
C LEU A 401 14.89 -23.95 -7.25
N ASP A 402 16.05 -24.51 -7.57
CA ASP A 402 16.35 -25.91 -7.27
C ASP A 402 16.91 -26.09 -5.87
N GLY A 403 17.53 -25.03 -5.34
CA GLY A 403 18.10 -25.08 -4.01
C GLY A 403 19.62 -25.07 -4.05
CHA HEM B . -6.96 2.34 1.09
CHB HEM B . -3.70 -0.89 2.33
CHC HEM B . -4.29 -3.01 -1.98
CHD HEM B . -7.34 0.44 -3.32
C1A HEM B . -6.11 1.57 1.83
C2A HEM B . -5.64 1.92 3.15
C3A HEM B . -4.71 1.02 3.47
C4A HEM B . -4.60 0.14 2.35
CMA HEM B . -3.86 0.99 4.72
CAA HEM B . -6.12 3.08 4.02
CBA HEM B . -5.35 4.38 3.79
CGA HEM B . -5.81 5.53 4.68
O1A HEM B . -6.57 5.28 5.65
O2A HEM B . -5.41 6.69 4.44
C1B HEM B . -3.60 -1.78 1.30
C2B HEM B . -2.78 -2.95 1.32
C3B HEM B . -3.01 -3.59 0.13
C4B HEM B . -3.90 -2.76 -0.64
CMB HEM B . -1.87 -3.35 2.48
CAB HEM B . -2.69 -4.91 -0.26
CBB HEM B . -1.53 -5.61 -0.20
C1C HEM B . -5.19 -2.27 -2.74
C2C HEM B . -5.65 -2.61 -4.11
C3C HEM B . -6.52 -1.64 -4.49
C4C HEM B . -6.58 -0.70 -3.35
CMC HEM B . -5.36 -3.89 -4.92
CAC HEM B . -7.38 -1.71 -5.59
CBC HEM B . -7.23 -1.07 -6.78
C1D HEM B . -7.49 1.23 -2.22
C2D HEM B . -8.24 2.46 -2.24
C3D HEM B . -8.20 2.97 -1.01
C4D HEM B . -7.37 2.07 -0.21
CMD HEM B . -8.98 3.07 -3.43
CAD HEM B . -8.86 4.26 -0.58
CBD HEM B . -10.09 3.94 0.24
CGD HEM B . -10.88 5.17 0.61
O1D HEM B . -10.27 6.23 0.84
O2D HEM B . -12.13 5.11 0.67
NA HEM B . -5.49 0.45 1.35
NB HEM B . -4.35 -1.68 0.11
NC HEM B . -5.84 -1.14 -2.25
ND HEM B . -6.94 0.98 -0.97
FE HEM B . -5.81 -0.48 -0.36
C1 ASD C . -2.81 1.70 -1.04
C10 ASD C . -2.14 2.92 -0.33
C11 ASD C . -4.39 4.23 -0.64
C12 ASD C . -4.99 5.49 -1.26
C13 ASD C . -4.39 6.73 -0.58
C14 ASD C . -2.92 6.76 -0.80
C15 ASD C . -2.53 8.13 -0.22
C16 ASD C . -3.59 9.01 -0.93
C17 ASD C . -4.79 8.09 -1.15
C18 ASD C . -4.82 6.82 0.90
C19 ASD C . -2.27 2.79 1.20
C2 ASD C . -1.92 0.65 -1.68
C3 ASD C . -0.51 1.04 -2.00
C4 ASD C . 0.03 2.26 -1.43
C5 ASD C . -0.66 3.07 -0.66
C6 ASD C . -0.01 4.30 -0.09
C7 ASD C . -0.71 5.54 -0.54
C8 ASD C . -2.23 5.50 -0.26
C9 ASD C . -2.85 4.23 -0.90
O1 ASD C . 0.19 0.35 -2.72
O2 ASD C . -5.83 8.39 -1.69
C1 ASD D . 1.21 3.52 -5.09
C10 ASD D . 1.82 4.74 -4.34
C11 ASD D . -0.45 5.93 -4.34
C12 ASD D . -1.16 7.23 -4.64
C13 ASD D . -0.51 8.35 -3.79
C14 ASD D . 0.91 8.54 -4.16
C15 ASD D . 1.33 9.85 -3.46
C16 ASD D . 0.07 10.70 -3.78
C17 ASD D . -1.09 9.71 -4.00
C18 ASD D . -0.63 8.08 -2.32
C19 ASD D . 1.83 4.45 -2.84
C2 ASD D . 1.90 3.07 -6.40
C3 ASD D . 3.32 3.49 -6.63
C4 ASD D . 3.89 4.49 -5.76
C5 ASD D . 3.24 5.04 -4.76
C6 ASD D . 3.89 6.10 -3.93
C7 ASD D . 3.16 7.39 -4.18
C8 ASD D . 1.67 7.26 -3.86
C9 ASD D . 1.03 6.05 -4.66
O1 ASD D . 3.99 3.03 -7.54
O2 ASD D . -2.27 9.97 -4.27
#